data_4ORA
#
_entry.id   4ORA
#
_cell.length_a   108.203
_cell.length_b   108.203
_cell.length_c   284.534
_cell.angle_alpha   90.00
_cell.angle_beta   90.00
_cell.angle_gamma   120.00
#
_symmetry.space_group_name_H-M   'P 65 2 2'
#
loop_
_entity.id
_entity.type
_entity.pdbx_description
1 polymer 'Serine/threonine-protein phosphatase 2B catalytic subunit beta isoform'
2 polymer 'Calcineurin subunit B type 1'
3 non-polymer 'ZINC ION'
4 non-polymer 'FE (III) ION'
5 non-polymer 'CALCIUM ION'
6 water water
#
loop_
_entity_poly.entity_id
_entity_poly.type
_entity_poly.pdbx_seq_one_letter_code
_entity_poly.pdbx_strand_id
1 'polypeptide(L)'
;MGSSHHHHHHSSGLVPRGSHMAAPEPARAAPPPPPPPPPPPGADRVVKAVPFPPTHRLTSEEVFDLDGIPRVDVLKNHLV
KEGRVDEEIALRIINEGAAILRREKTMIEVEAPITVCGDIHGQFFDLMKLFEVGGSPANTRYLFLGDYVDRGYFSIECVL
YLWVLKILYPSTLFLLRGNHECRHLTEYFTFKQECKIKYSERVYEACMEAFDSLPLAALLNQQFLCVHGGLSPEIHTLDD
IRRLDRFKEPPAFGPMCDLLWSDPSEDFGNEKSQEHFSHNTVRGCSYFYNYPAVCEFLQNNNLLSIIRAHEAQDAGYRMY
RKSQTTGFPSLITIFSAPNYLDVYNNKAAVLKYENNVMNIRQFNCSPHPYWLPNFMDVFTWSLPFVGEKVTEMLVNVLSI
CSDDELMTEGEDQFDGSAAARKEIIRNKIRAIGKMARYLSVLREESESVLTLKGLTPTGMLPSGVLAGGRQTLQSATVEA
IEAEKAIRGFSPPHRICSFEEAKGLDRINERMPPRKDAVQQDGFNSLNTAHATENHGTGNHTAQ
;
A
2 'polypeptide(L)'
;MGNEASYPLEMCSHFDADEIKRLGKRFKKLDLDNSGSLSVEEFMSLPELQQNPLVQRVIDIFDTDGNGEVDFKEFIEGVS
QFSVKGDKEQKLRFAFRIYDMDKDGYISNGELFQVLKMMVGNNLKDTQLQQIVDKTIINADKDGDGRISFEEFCAVVGGL
DIHKKMVVDV
;
B
#
loop_
_chem_comp.id
_chem_comp.type
_chem_comp.name
_chem_comp.formula
CA non-polymer 'CALCIUM ION' 'Ca 2'
FE non-polymer 'FE (III) ION' 'Fe 3'
ZN non-polymer 'ZINC ION' 'Zn 2'
#
# COMPACT_ATOMS: atom_id res chain seq x y z
N PRO A 35 23.14 -8.23 34.13
CA PRO A 35 21.74 -8.23 33.70
C PRO A 35 21.50 -9.27 32.59
N PRO A 36 20.23 -9.65 32.34
CA PRO A 36 19.97 -10.52 31.18
C PRO A 36 19.83 -9.74 29.86
N PRO A 37 20.04 -10.41 28.71
CA PRO A 37 19.74 -9.80 27.40
C PRO A 37 18.24 -9.63 27.29
N PRO A 38 17.75 -8.78 26.37
CA PRO A 38 16.30 -8.86 26.19
C PRO A 38 15.95 -10.23 25.60
N PRO A 39 14.70 -10.66 25.81
CA PRO A 39 14.25 -11.94 25.22
C PRO A 39 14.35 -11.87 23.70
N PRO A 40 14.82 -12.95 23.08
CA PRO A 40 14.82 -13.08 21.61
C PRO A 40 13.46 -12.64 21.07
N PRO A 41 13.42 -11.72 20.09
CA PRO A 41 12.20 -11.01 19.71
C PRO A 41 10.98 -11.90 19.39
N GLY A 42 11.20 -13.03 18.72
CA GLY A 42 10.13 -13.96 18.46
C GLY A 42 9.92 -14.98 19.58
N ALA A 43 10.17 -14.56 20.82
CA ALA A 43 9.98 -15.45 21.95
C ALA A 43 8.50 -15.68 22.19
N ASP A 44 7.68 -14.71 21.80
CA ASP A 44 6.25 -14.82 22.05
C ASP A 44 5.42 -14.56 20.79
N ARG A 45 6.08 -14.56 19.65
CA ARG A 45 5.40 -14.40 18.38
C ARG A 45 4.41 -15.54 18.27
N VAL A 46 3.19 -15.22 17.86
CA VAL A 46 2.10 -16.18 17.95
C VAL A 46 2.07 -17.14 16.77
N VAL A 47 2.23 -16.61 15.57
CA VAL A 47 2.23 -17.42 14.37
C VAL A 47 3.66 -17.55 13.89
N LYS A 48 4.35 -18.59 14.36
CA LYS A 48 5.78 -18.68 14.20
C LYS A 48 6.22 -19.04 12.78
N ALA A 49 5.40 -19.81 12.08
CA ALA A 49 5.70 -20.26 10.72
C ALA A 49 5.81 -19.13 9.69
N VAL A 50 5.15 -18.00 9.95
CA VAL A 50 5.19 -16.87 9.01
C VAL A 50 6.56 -16.22 8.98
N PRO A 51 7.19 -16.20 7.80
CA PRO A 51 8.51 -15.57 7.61
C PRO A 51 8.55 -14.12 8.08
N PHE A 52 9.59 -13.83 8.85
CA PHE A 52 9.84 -12.52 9.45
C PHE A 52 10.73 -11.73 8.48
N PRO A 53 10.38 -10.47 8.20
CA PRO A 53 11.18 -9.59 7.31
C PRO A 53 12.56 -9.26 7.88
N PRO A 54 13.50 -8.81 7.03
CA PRO A 54 14.82 -8.39 7.54
C PRO A 54 14.71 -7.17 8.44
N THR A 55 15.57 -7.09 9.46
CA THR A 55 15.52 -5.96 10.37
C THR A 55 16.52 -4.88 9.98
N HIS A 56 17.39 -5.17 9.02
CA HIS A 56 18.37 -4.19 8.58
C HIS A 56 18.19 -3.79 7.13
N ARG A 57 18.44 -2.52 6.86
CA ARG A 57 18.43 -2.05 5.49
C ARG A 57 19.76 -2.43 4.84
N LEU A 58 19.70 -2.79 3.56
CA LEU A 58 20.90 -3.08 2.80
C LEU A 58 21.74 -1.83 2.73
N THR A 59 23.02 -1.95 3.04
CA THR A 59 23.91 -0.82 2.95
C THR A 59 24.47 -0.68 1.52
N SER A 60 25.18 0.40 1.28
CA SER A 60 25.75 0.66 -0.02
C SER A 60 26.83 -0.36 -0.38
N GLU A 61 27.66 -0.72 0.58
CA GLU A 61 28.70 -1.73 0.36
C GLU A 61 28.11 -3.08 -0.06
N GLU A 62 26.91 -3.39 0.43
CA GLU A 62 26.28 -4.66 0.10
C GLU A 62 25.64 -4.68 -1.29
N VAL A 63 25.27 -3.50 -1.79
CA VAL A 63 24.53 -3.40 -3.06
C VAL A 63 25.42 -3.03 -4.27
N PHE A 64 26.44 -2.21 -4.04
CA PHE A 64 27.28 -1.71 -5.12
C PHE A 64 28.68 -2.31 -5.11
N ASP A 65 29.08 -2.88 -6.23
CA ASP A 65 30.41 -3.46 -6.30
C ASP A 65 31.50 -2.42 -6.55
N LEU A 66 32.72 -2.92 -6.65
CA LEU A 66 33.91 -2.11 -6.83
C LEU A 66 33.80 -1.01 -7.88
N ASP A 67 33.07 -1.29 -8.95
CA ASP A 67 32.91 -0.38 -10.07
C ASP A 67 31.71 0.56 -9.95
N GLY A 68 31.03 0.52 -8.79
CA GLY A 68 29.80 1.26 -8.60
C GLY A 68 28.61 0.67 -9.35
N ILE A 69 28.76 -0.59 -9.75
CA ILE A 69 27.71 -1.37 -10.42
C ILE A 69 26.85 -2.15 -9.41
N PRO A 70 25.52 -2.11 -9.57
CA PRO A 70 24.61 -2.79 -8.64
C PRO A 70 24.66 -4.30 -8.77
N ARG A 71 24.46 -4.96 -7.64
CA ARG A 71 24.41 -6.40 -7.59
C ARG A 71 22.94 -6.77 -7.56
N VAL A 72 22.42 -7.21 -8.71
CA VAL A 72 20.98 -7.34 -8.87
C VAL A 72 20.39 -8.52 -8.10
N ASP A 73 21.16 -9.60 -7.94
CA ASP A 73 20.65 -10.79 -7.25
C ASP A 73 20.62 -10.59 -5.74
N VAL A 74 21.53 -9.76 -5.24
CA VAL A 74 21.50 -9.38 -3.84
C VAL A 74 20.26 -8.53 -3.60
N LEU A 75 20.01 -7.59 -4.50
CA LEU A 75 18.86 -6.72 -4.40
C LEU A 75 17.55 -7.49 -4.45
N LYS A 76 17.45 -8.44 -5.37
CA LYS A 76 16.24 -9.24 -5.47
C LYS A 76 15.98 -10.06 -4.23
N ASN A 77 16.98 -10.80 -3.75
CA ASN A 77 16.80 -11.66 -2.57
C ASN A 77 16.35 -10.88 -1.34
N HIS A 78 16.83 -9.65 -1.24
CA HIS A 78 16.45 -8.80 -0.14
C HIS A 78 15.01 -8.33 -0.31
N LEU A 79 14.65 -7.92 -1.52
CA LEU A 79 13.30 -7.39 -1.75
C LEU A 79 12.23 -8.47 -1.63
N VAL A 80 12.51 -9.67 -2.11
CA VAL A 80 11.58 -10.79 -1.95
C VAL A 80 11.25 -11.05 -0.49
N LYS A 81 12.20 -10.79 0.40
CA LYS A 81 11.98 -10.99 1.84
C LYS A 81 11.29 -9.80 2.49
N GLU A 82 10.88 -8.84 1.67
CA GLU A 82 10.32 -7.55 2.10
C GLU A 82 11.35 -6.63 2.70
N GLY A 83 12.62 -6.88 2.41
CA GLY A 83 13.68 -5.99 2.88
C GLY A 83 13.61 -4.60 2.27
N ARG A 84 14.37 -3.67 2.85
CA ARG A 84 14.34 -2.29 2.41
C ARG A 84 15.80 -1.87 2.22
N VAL A 85 16.08 -0.81 1.46
CA VAL A 85 17.48 -0.37 1.33
C VAL A 85 17.75 1.00 1.96
N ASP A 86 19.01 1.31 2.24
CA ASP A 86 19.39 2.65 2.68
C ASP A 86 18.85 3.66 1.69
N GLU A 87 18.14 4.67 2.19
CA GLU A 87 17.57 5.70 1.33
C GLU A 87 18.56 6.29 0.31
N GLU A 88 19.81 6.54 0.71
CA GLU A 88 20.81 7.06 -0.24
C GLU A 88 21.04 6.13 -1.43
N ILE A 89 20.78 4.84 -1.26
CA ILE A 89 20.87 3.85 -2.33
C ILE A 89 19.66 3.92 -3.24
N ALA A 90 18.48 4.06 -2.65
CA ALA A 90 17.28 4.27 -3.43
C ALA A 90 17.46 5.46 -4.35
N LEU A 91 17.90 6.60 -3.83
CA LEU A 91 18.12 7.78 -4.69
C LEU A 91 19.15 7.50 -5.77
N ARG A 92 20.21 6.81 -5.39
CA ARG A 92 21.29 6.55 -6.32
C ARG A 92 20.83 5.67 -7.48
N ILE A 93 19.99 4.70 -7.17
CA ILE A 93 19.43 3.81 -8.18
C ILE A 93 18.49 4.58 -9.08
N ILE A 94 17.48 5.19 -8.48
CA ILE A 94 16.53 6.00 -9.23
C ILE A 94 17.17 7.10 -10.09
N ASN A 95 18.15 7.83 -9.56
CA ASN A 95 18.79 8.89 -10.36
C ASN A 95 19.64 8.38 -11.52
N GLU A 96 20.33 7.26 -11.33
CA GLU A 96 21.18 6.76 -12.40
C GLU A 96 20.28 6.21 -13.50
N GLY A 97 19.20 5.56 -13.10
CA GLY A 97 18.18 5.15 -14.05
C GLY A 97 17.67 6.35 -14.84
N ALA A 98 17.26 7.41 -14.14
CA ALA A 98 16.77 8.63 -14.76
C ALA A 98 17.78 9.21 -15.74
N ALA A 99 19.03 9.32 -15.31
CA ALA A 99 20.10 9.76 -16.18
C ALA A 99 20.14 9.00 -17.51
N ILE A 100 20.04 7.68 -17.44
CA ILE A 100 20.10 6.85 -18.67
C ILE A 100 18.89 7.05 -19.59
N LEU A 101 17.70 7.08 -18.99
CA LEU A 101 16.42 7.23 -19.69
C LEU A 101 16.36 8.56 -20.43
N ARG A 102 16.77 9.62 -19.74
CA ARG A 102 16.79 10.98 -20.29
C ARG A 102 17.56 11.10 -21.61
N ARG A 103 18.59 10.28 -21.77
CA ARG A 103 19.44 10.20 -22.96
C ARG A 103 18.68 9.63 -24.14
N GLU A 104 17.56 8.97 -23.87
CA GLU A 104 16.92 8.15 -24.89
C GLU A 104 15.85 8.88 -25.73
N LYS A 105 15.63 8.41 -26.96
CA LYS A 105 14.69 9.05 -27.86
C LYS A 105 13.29 8.92 -27.27
N THR A 106 12.42 9.90 -27.54
CA THR A 106 11.02 9.80 -27.16
C THR A 106 10.38 8.60 -27.84
N MET A 107 10.83 8.27 -29.03
CA MET A 107 10.41 7.01 -29.58
C MET A 107 11.60 6.14 -29.90
N ILE A 108 11.95 5.28 -28.96
CA ILE A 108 13.10 4.42 -29.08
C ILE A 108 12.89 3.43 -30.22
N GLU A 109 13.98 2.85 -30.70
CA GLU A 109 13.85 1.81 -31.70
C GLU A 109 14.49 0.53 -31.23
N VAL A 110 13.71 -0.54 -31.23
CA VAL A 110 14.17 -1.78 -30.67
C VAL A 110 13.86 -2.88 -31.68
N GLU A 111 14.73 -3.87 -31.76
CA GLU A 111 14.56 -4.91 -32.76
C GLU A 111 14.32 -6.26 -32.10
N ALA A 112 13.69 -7.16 -32.83
CA ALA A 112 13.49 -8.53 -32.36
C ALA A 112 14.85 -9.22 -32.25
N PRO A 113 14.95 -10.27 -31.40
CA PRO A 113 13.90 -10.81 -30.54
C PRO A 113 13.68 -9.93 -29.30
N ILE A 114 12.46 -9.96 -28.77
CA ILE A 114 12.12 -9.17 -27.60
C ILE A 114 10.91 -9.75 -26.88
N THR A 115 10.87 -9.56 -25.57
CA THR A 115 9.71 -9.87 -24.72
C THR A 115 9.03 -8.57 -24.31
N VAL A 116 7.76 -8.41 -24.68
CA VAL A 116 7.01 -7.19 -24.41
C VAL A 116 6.02 -7.44 -23.29
N CYS A 117 6.00 -6.55 -22.30
CA CYS A 117 5.18 -6.72 -21.11
C CYS A 117 4.29 -5.52 -20.90
N GLY A 118 3.09 -5.75 -20.35
CA GLY A 118 2.14 -4.68 -20.08
C GLY A 118 2.13 -4.31 -18.61
N ASP A 119 1.06 -3.67 -18.15
CA ASP A 119 0.95 -3.17 -16.77
C ASP A 119 1.46 -4.14 -15.70
N ILE A 120 2.16 -3.59 -14.72
CA ILE A 120 2.74 -4.35 -13.62
C ILE A 120 2.01 -3.96 -12.35
N HIS A 121 1.86 -2.66 -12.15
CA HIS A 121 1.03 -2.14 -11.07
C HIS A 121 1.46 -2.51 -9.65
N GLY A 122 2.76 -2.47 -9.39
CA GLY A 122 3.29 -2.69 -8.06
C GLY A 122 3.25 -4.13 -7.61
N GLN A 123 2.98 -5.05 -8.53
CA GLN A 123 2.89 -6.45 -8.15
C GLN A 123 4.24 -7.17 -8.22
N PHE A 124 5.14 -6.77 -7.33
CA PHE A 124 6.50 -7.26 -7.32
C PHE A 124 6.62 -8.79 -7.35
N PHE A 125 5.73 -9.50 -6.66
CA PHE A 125 5.90 -10.94 -6.56
C PHE A 125 5.48 -11.63 -7.87
N ASP A 126 4.76 -10.87 -8.69
CA ASP A 126 4.34 -11.35 -10.00
C ASP A 126 5.38 -10.98 -11.03
N LEU A 127 5.99 -9.82 -10.86
CA LEU A 127 7.12 -9.42 -11.67
C LEU A 127 8.25 -10.45 -11.58
N MET A 128 8.47 -10.96 -10.38
CA MET A 128 9.45 -12.03 -10.21
C MET A 128 9.09 -13.19 -11.10
N LYS A 129 7.84 -13.63 -11.02
CA LYS A 129 7.36 -14.73 -11.82
C LYS A 129 7.52 -14.42 -13.32
N LEU A 130 7.21 -13.19 -13.70
CA LEU A 130 7.34 -12.76 -15.09
C LEU A 130 8.74 -12.95 -15.64
N PHE A 131 9.76 -12.66 -14.85
CA PHE A 131 11.12 -12.81 -15.35
C PHE A 131 11.52 -14.28 -15.45
N GLU A 132 10.90 -15.11 -14.62
CA GLU A 132 11.11 -16.56 -14.69
C GLU A 132 10.46 -17.11 -15.97
N VAL A 133 9.37 -16.48 -16.37
CA VAL A 133 8.63 -16.89 -17.54
C VAL A 133 9.22 -16.35 -18.84
N GLY A 134 9.50 -15.05 -18.89
CA GLY A 134 10.13 -14.43 -20.04
C GLY A 134 11.65 -14.58 -20.22
N GLY A 135 12.37 -14.96 -19.16
CA GLY A 135 13.80 -15.20 -19.28
C GLY A 135 14.67 -14.16 -18.60
N SER A 136 15.88 -14.55 -18.23
CA SER A 136 16.75 -13.65 -17.51
C SER A 136 17.11 -12.41 -18.32
N PRO A 137 17.03 -11.23 -17.70
CA PRO A 137 17.43 -10.01 -18.37
C PRO A 137 18.88 -10.05 -18.85
N ALA A 138 19.67 -10.99 -18.33
CA ALA A 138 21.07 -11.12 -18.77
C ALA A 138 21.24 -11.69 -20.17
N ASN A 139 20.26 -12.45 -20.66
CA ASN A 139 20.32 -13.00 -22.01
C ASN A 139 18.97 -12.89 -22.71
N THR A 140 18.18 -11.88 -22.33
CA THR A 140 16.84 -11.67 -22.88
C THR A 140 16.50 -10.20 -23.02
N ARG A 141 16.01 -9.82 -24.18
CA ARG A 141 15.65 -8.43 -24.43
C ARG A 141 14.21 -8.18 -24.00
N TYR A 142 14.00 -7.08 -23.29
CA TYR A 142 12.72 -6.75 -22.69
C TYR A 142 12.24 -5.37 -23.12
N LEU A 143 10.93 -5.23 -23.28
CA LEU A 143 10.29 -3.93 -23.43
C LEU A 143 9.06 -3.90 -22.53
N PHE A 144 9.01 -2.89 -21.66
CA PHE A 144 7.93 -2.71 -20.71
C PHE A 144 7.10 -1.52 -21.15
N LEU A 145 5.79 -1.71 -21.27
CA LEU A 145 4.93 -0.65 -21.75
C LEU A 145 4.45 0.34 -20.69
N GLY A 146 4.98 0.24 -19.46
CA GLY A 146 4.61 1.17 -18.41
C GLY A 146 3.70 0.66 -17.29
N ASP A 147 3.21 1.61 -16.47
CA ASP A 147 2.38 1.35 -15.27
C ASP A 147 3.06 0.47 -14.23
N TYR A 148 4.20 0.93 -13.72
CA TYR A 148 4.97 0.13 -12.78
C TYR A 148 4.42 0.33 -11.38
N VAL A 149 3.73 1.43 -11.16
CA VAL A 149 3.31 1.74 -9.82
C VAL A 149 1.81 1.84 -9.71
N ASP A 150 1.37 2.15 -8.49
CA ASP A 150 -0.03 2.26 -8.09
C ASP A 150 -0.75 0.93 -8.08
N ARG A 151 -1.72 0.84 -7.17
CA ARG A 151 -2.66 -0.27 -7.04
C ARG A 151 -2.16 -1.42 -6.17
N GLY A 152 -0.99 -1.96 -6.52
CA GLY A 152 -0.35 -2.97 -5.69
C GLY A 152 0.58 -2.31 -4.70
N TYR A 153 0.84 -2.96 -3.56
CA TYR A 153 1.63 -2.30 -2.52
CA TYR A 153 1.63 -2.31 -2.53
C TYR A 153 3.12 -2.65 -2.52
N PHE A 154 3.66 -2.99 -3.70
CA PHE A 154 5.11 -3.17 -3.86
C PHE A 154 5.63 -2.41 -5.08
N SER A 155 5.10 -1.21 -5.27
CA SER A 155 5.47 -0.38 -6.38
C SER A 155 6.93 0.05 -6.31
N ILE A 156 7.35 0.59 -5.17
CA ILE A 156 8.71 1.07 -5.03
C ILE A 156 9.73 -0.05 -5.26
N GLU A 157 9.40 -1.28 -4.89
CA GLU A 157 10.29 -2.40 -5.16
C GLU A 157 10.37 -2.68 -6.64
N CYS A 158 9.24 -2.60 -7.34
CA CYS A 158 9.22 -2.73 -8.79
C CYS A 158 10.10 -1.68 -9.43
N VAL A 159 9.93 -0.42 -9.04
CA VAL A 159 10.74 0.63 -9.61
C VAL A 159 12.24 0.36 -9.35
N LEU A 160 12.59 0.07 -8.10
CA LEU A 160 13.99 -0.15 -7.76
C LEU A 160 14.57 -1.29 -8.56
N TYR A 161 13.84 -2.40 -8.63
CA TYR A 161 14.34 -3.57 -9.33
C TYR A 161 14.45 -3.31 -10.83
N LEU A 162 13.43 -2.72 -11.44
CA LEU A 162 13.46 -2.42 -12.87
C LEU A 162 14.53 -1.41 -13.26
N TRP A 163 14.72 -0.39 -12.43
CA TRP A 163 15.76 0.61 -12.68
C TRP A 163 17.15 0.01 -12.57
N VAL A 164 17.33 -0.95 -11.66
CA VAL A 164 18.62 -1.63 -11.57
C VAL A 164 18.90 -2.41 -12.86
N LEU A 165 17.91 -3.15 -13.35
CA LEU A 165 18.07 -3.83 -14.62
C LEU A 165 18.38 -2.86 -15.77
N LYS A 166 17.73 -1.71 -15.80
CA LYS A 166 18.03 -0.68 -16.79
C LYS A 166 19.51 -0.25 -16.71
N ILE A 167 20.00 -0.01 -15.49
CA ILE A 167 21.40 0.32 -15.27
C ILE A 167 22.35 -0.80 -15.74
N LEU A 168 21.96 -2.05 -15.54
CA LEU A 168 22.81 -3.18 -15.92
C LEU A 168 22.75 -3.52 -17.41
N TYR A 169 21.60 -3.26 -18.02
CA TYR A 169 21.37 -3.66 -19.38
C TYR A 169 20.69 -2.55 -20.15
N PRO A 170 21.32 -1.37 -20.21
CA PRO A 170 20.66 -0.21 -20.80
C PRO A 170 20.27 -0.43 -22.24
N SER A 171 20.93 -1.35 -22.94
CA SER A 171 20.59 -1.51 -24.36
C SER A 171 19.84 -2.82 -24.68
N THR A 172 19.38 -3.52 -23.65
CA THR A 172 18.57 -4.71 -23.88
C THR A 172 17.30 -4.72 -23.05
N LEU A 173 17.24 -3.84 -22.05
CA LEU A 173 15.99 -3.69 -21.29
C LEU A 173 15.43 -2.30 -21.50
N PHE A 174 14.16 -2.22 -21.91
CA PHE A 174 13.54 -0.93 -22.20
C PHE A 174 12.28 -0.64 -21.43
N LEU A 175 12.16 0.61 -20.97
CA LEU A 175 11.03 1.06 -20.15
C LEU A 175 10.28 2.23 -20.78
N LEU A 176 9.02 2.03 -21.13
CA LEU A 176 8.17 3.15 -21.52
C LEU A 176 7.33 3.71 -20.34
N ARG A 177 6.77 4.89 -20.54
CA ARG A 177 5.99 5.57 -19.53
C ARG A 177 4.51 5.20 -19.64
N GLY A 178 3.90 4.78 -18.52
CA GLY A 178 2.46 4.53 -18.48
C GLY A 178 1.74 5.71 -17.86
N ASN A 179 0.41 5.69 -17.87
CA ASN A 179 -0.35 6.84 -17.38
C ASN A 179 -0.19 7.08 -15.88
N HIS A 180 0.25 6.04 -15.16
CA HIS A 180 0.48 6.14 -13.74
C HIS A 180 1.81 6.77 -13.34
N GLU A 181 2.74 6.89 -14.27
CA GLU A 181 4.01 7.51 -13.94
C GLU A 181 3.96 9.05 -14.00
N CYS A 182 3.30 9.64 -13.01
CA CYS A 182 3.11 11.07 -13.01
C CYS A 182 2.68 11.50 -11.62
N ARG A 183 2.81 12.79 -11.34
CA ARG A 183 2.48 13.32 -10.02
C ARG A 183 0.99 13.20 -9.73
N HIS A 184 0.18 13.45 -10.75
CA HIS A 184 -1.26 13.53 -10.56
CA HIS A 184 -1.26 13.54 -10.54
C HIS A 184 -1.87 12.25 -10.01
N LEU A 185 -1.49 11.11 -10.59
CA LEU A 185 -2.08 9.84 -10.20
C LEU A 185 -1.43 9.21 -8.96
N THR A 186 -0.13 9.44 -8.79
CA THR A 186 0.54 8.87 -7.64
C THR A 186 0.18 9.61 -6.36
N GLU A 187 -0.18 10.89 -6.43
CA GLU A 187 -0.65 11.58 -5.23
CA GLU A 187 -0.67 11.64 -5.27
C GLU A 187 -2.05 11.11 -4.89
N TYR A 188 -2.83 10.75 -5.89
CA TYR A 188 -4.19 10.31 -5.67
C TYR A 188 -4.24 8.86 -5.21
N PHE A 189 -3.50 8.01 -5.90
CA PHE A 189 -3.41 6.63 -5.45
C PHE A 189 -2.33 6.50 -4.39
N THR A 190 -1.86 5.28 -4.17
CA THR A 190 -1.04 5.01 -2.99
C THR A 190 0.46 5.17 -3.15
N PHE A 191 0.94 5.50 -4.33
CA PHE A 191 2.38 5.47 -4.50
C PHE A 191 3.13 6.58 -3.74
N LYS A 192 2.51 7.74 -3.58
CA LYS A 192 3.14 8.81 -2.80
C LYS A 192 3.24 8.38 -1.34
N GLN A 193 2.13 7.88 -0.82
CA GLN A 193 2.13 7.33 0.52
C GLN A 193 3.20 6.25 0.68
N GLU A 194 3.28 5.32 -0.27
CA GLU A 194 4.26 4.23 -0.24
C GLU A 194 5.71 4.72 -0.03
N CYS A 195 6.11 5.73 -0.79
CA CYS A 195 7.44 6.30 -0.67
C CYS A 195 7.63 6.98 0.66
N LYS A 196 6.60 7.70 1.09
CA LYS A 196 6.68 8.44 2.34
C LYS A 196 6.85 7.45 3.52
N ILE A 197 6.05 6.37 3.52
CA ILE A 197 6.15 5.34 4.56
C ILE A 197 7.43 4.53 4.50
N LYS A 198 7.68 3.85 3.38
CA LYS A 198 8.85 2.97 3.26
C LYS A 198 10.19 3.71 3.12
N TYR A 199 10.19 4.88 2.49
CA TYR A 199 11.45 5.58 2.22
C TYR A 199 11.37 7.05 2.66
N SER A 200 10.99 7.94 1.75
CA SER A 200 10.78 9.34 2.11
C SER A 200 10.31 10.14 0.92
N GLU A 201 9.89 11.38 1.18
CA GLU A 201 9.48 12.32 0.14
C GLU A 201 10.56 12.53 -0.90
N ARG A 202 11.81 12.49 -0.48
CA ARG A 202 12.92 12.70 -1.39
C ARG A 202 12.92 11.65 -2.49
N VAL A 203 12.68 10.40 -2.11
CA VAL A 203 12.66 9.32 -3.07
C VAL A 203 11.47 9.46 -4.03
N TYR A 204 10.30 9.76 -3.48
CA TYR A 204 9.15 10.09 -4.32
C TYR A 204 9.49 11.15 -5.36
N GLU A 205 10.08 12.26 -4.91
CA GLU A 205 10.45 13.31 -5.85
C GLU A 205 11.40 12.79 -6.92
N ALA A 206 12.45 12.06 -6.51
CA ALA A 206 13.41 11.53 -7.47
C ALA A 206 12.76 10.60 -8.51
N CYS A 207 11.68 9.93 -8.10
CA CYS A 207 10.90 9.08 -8.99
C CYS A 207 10.11 9.90 -10.00
N MET A 208 9.52 11.00 -9.55
CA MET A 208 8.82 11.88 -10.47
C MET A 208 9.74 12.42 -11.56
N GLU A 209 10.95 12.85 -11.21
CA GLU A 209 11.89 13.23 -12.27
C GLU A 209 12.35 12.05 -13.16
N ALA A 210 12.46 10.86 -12.59
CA ALA A 210 12.82 9.69 -13.38
C ALA A 210 11.65 9.34 -14.30
N PHE A 211 10.43 9.55 -13.81
CA PHE A 211 9.25 9.25 -14.60
C PHE A 211 9.14 10.19 -15.79
N ASP A 212 9.49 11.46 -15.59
CA ASP A 212 9.54 12.43 -16.67
C ASP A 212 10.56 12.02 -17.75
N SER A 213 11.57 11.25 -17.36
CA SER A 213 12.59 10.87 -18.34
C SER A 213 12.16 9.76 -19.29
N LEU A 214 11.15 8.99 -18.92
CA LEU A 214 10.78 7.80 -19.68
C LEU A 214 10.32 8.08 -21.12
N PRO A 215 10.86 7.32 -22.10
CA PRO A 215 10.34 7.34 -23.47
C PRO A 215 8.82 7.16 -23.49
N LEU A 216 8.17 7.67 -24.52
CA LEU A 216 6.74 7.51 -24.64
C LEU A 216 6.34 6.36 -25.55
N ALA A 217 7.25 5.91 -26.40
CA ALA A 217 6.86 4.96 -27.43
C ALA A 217 8.06 4.21 -27.99
N ALA A 218 7.80 3.08 -28.61
CA ALA A 218 8.90 2.32 -29.17
C ALA A 218 8.50 1.81 -30.54
N LEU A 219 9.38 1.97 -31.53
CA LEU A 219 9.14 1.36 -32.80
C LEU A 219 9.88 0.03 -32.83
N LEU A 220 9.12 -1.06 -32.88
CA LEU A 220 9.67 -2.40 -32.71
C LEU A 220 9.82 -3.11 -34.04
N ASN A 221 11.05 -3.50 -34.34
CA ASN A 221 11.39 -4.21 -35.57
C ASN A 221 10.88 -3.52 -36.81
N GLN A 222 10.83 -2.18 -36.75
CA GLN A 222 10.34 -1.38 -37.87
C GLN A 222 8.95 -1.81 -38.34
N GLN A 223 8.16 -2.45 -37.48
CA GLN A 223 6.82 -2.86 -37.89
C GLN A 223 5.67 -2.72 -36.87
N PHE A 224 5.98 -2.63 -35.59
CA PHE A 224 4.96 -2.37 -34.58
C PHE A 224 5.25 -1.09 -33.84
N LEU A 225 4.24 -0.25 -33.66
CA LEU A 225 4.38 0.87 -32.74
C LEU A 225 3.87 0.41 -31.37
N CYS A 226 4.71 0.59 -30.35
CA CYS A 226 4.38 0.15 -29.01
C CYS A 226 4.22 1.35 -28.10
N VAL A 227 3.04 1.51 -27.52
CA VAL A 227 2.77 2.58 -26.58
C VAL A 227 1.91 2.07 -25.45
N HIS A 228 1.84 2.85 -24.36
CA HIS A 228 1.03 2.40 -23.25
C HIS A 228 -0.49 2.42 -23.54
N GLY A 229 -0.98 3.52 -24.08
CA GLY A 229 -2.40 3.77 -24.20
C GLY A 229 -2.91 3.59 -25.61
N GLY A 230 -2.63 4.55 -26.49
CA GLY A 230 -2.96 4.40 -27.89
C GLY A 230 -2.73 5.61 -28.78
N LEU A 231 -3.63 5.78 -29.76
CA LEU A 231 -3.54 6.85 -30.73
C LEU A 231 -4.15 8.15 -30.25
N SER A 232 -3.93 9.20 -31.03
CA SER A 232 -4.42 10.54 -30.70
C SER A 232 -4.92 11.22 -31.96
N PRO A 233 -6.05 11.94 -31.87
CA PRO A 233 -6.45 12.66 -33.09
C PRO A 233 -5.38 13.65 -33.55
N GLU A 234 -4.52 14.11 -32.65
CA GLU A 234 -3.47 15.00 -33.09
C GLU A 234 -2.14 14.31 -33.43
N ILE A 235 -2.14 12.98 -33.53
CA ILE A 235 -0.94 12.21 -33.91
C ILE A 235 -1.13 11.35 -35.17
N HIS A 236 -0.58 11.80 -36.30
CA HIS A 236 -0.82 11.15 -37.59
C HIS A 236 0.38 10.43 -38.19
N THR A 237 1.58 10.86 -37.82
CA THR A 237 2.79 10.21 -38.30
C THR A 237 3.64 9.84 -37.10
N LEU A 238 4.63 9.00 -37.31
CA LEU A 238 5.56 8.70 -36.24
C LEU A 238 6.31 9.99 -35.84
N ASP A 239 6.53 10.87 -36.81
CA ASP A 239 7.22 12.12 -36.55
C ASP A 239 6.50 12.94 -35.49
N ASP A 240 5.18 12.90 -35.45
CA ASP A 240 4.45 13.66 -34.42
C ASP A 240 4.76 13.15 -33.03
N ILE A 241 5.21 11.90 -32.95
CA ILE A 241 5.63 11.37 -31.66
C ILE A 241 7.06 11.80 -31.43
N ARG A 242 7.92 11.55 -32.42
CA ARG A 242 9.33 11.90 -32.33
C ARG A 242 9.58 13.33 -31.82
N ARG A 243 8.73 14.28 -32.21
CA ARG A 243 8.93 15.70 -31.85
C ARG A 243 8.27 16.16 -30.53
N LEU A 244 7.64 15.22 -29.84
CA LEU A 244 7.02 15.54 -28.56
C LEU A 244 8.07 15.84 -27.52
N ASP A 245 7.78 16.83 -26.70
CA ASP A 245 8.58 17.14 -25.53
C ASP A 245 7.98 16.44 -24.30
N ARG A 246 8.66 15.40 -23.83
CA ARG A 246 8.11 14.46 -22.85
C ARG A 246 8.54 14.76 -21.42
N PHE A 247 9.56 15.61 -21.25
CA PHE A 247 10.11 15.86 -19.91
C PHE A 247 9.23 16.78 -19.07
N LYS A 248 8.04 16.30 -18.71
CA LYS A 248 7.10 17.11 -17.97
C LYS A 248 6.02 16.20 -17.44
N GLU A 249 5.19 16.71 -16.52
CA GLU A 249 3.98 16.00 -16.13
C GLU A 249 3.08 15.95 -17.36
N PRO A 250 2.47 14.78 -17.63
CA PRO A 250 1.50 14.68 -18.72
C PRO A 250 0.39 15.72 -18.56
N PRO A 251 0.08 16.47 -19.63
CA PRO A 251 -1.03 17.42 -19.48
C PRO A 251 -2.36 16.70 -19.51
N ALA A 252 -3.44 17.44 -19.27
CA ALA A 252 -4.77 16.85 -19.14
C ALA A 252 -5.45 16.56 -20.51
N PHE A 253 -4.84 17.08 -21.58
CA PHE A 253 -5.30 16.90 -22.96
C PHE A 253 -4.10 17.03 -23.88
N GLY A 254 -4.24 16.58 -25.12
CA GLY A 254 -3.13 16.66 -26.06
C GLY A 254 -2.56 15.31 -26.42
N PRO A 255 -1.60 15.27 -27.35
CA PRO A 255 -0.97 14.07 -27.88
C PRO A 255 -0.37 13.17 -26.79
N MET A 256 0.54 13.74 -26.00
CA MET A 256 1.17 13.03 -24.88
C MET A 256 0.14 12.42 -23.94
N CYS A 257 -0.84 13.20 -23.51
CA CYS A 257 -1.94 12.65 -22.74
C CYS A 257 -2.59 11.45 -23.42
N ASP A 258 -2.90 11.57 -24.72
CA ASP A 258 -3.58 10.52 -25.45
C ASP A 258 -2.79 9.23 -25.57
N LEU A 259 -1.49 9.36 -25.88
CA LEU A 259 -0.59 8.22 -25.98
C LEU A 259 -0.68 7.37 -24.75
N LEU A 260 -0.76 8.02 -23.59
CA LEU A 260 -0.83 7.33 -22.30
C LEU A 260 -2.23 6.91 -21.94
N TRP A 261 -3.24 7.64 -22.46
CA TRP A 261 -4.62 7.47 -21.97
C TRP A 261 -5.63 6.80 -22.88
N SER A 262 -5.48 6.81 -24.21
CA SER A 262 -6.60 6.35 -25.05
C SER A 262 -6.83 4.85 -25.05
N ASP A 263 -8.07 4.44 -25.26
CA ASP A 263 -8.45 3.03 -25.37
C ASP A 263 -9.08 2.74 -26.72
N PRO A 264 -9.04 1.48 -27.14
CA PRO A 264 -9.91 1.14 -28.26
C PRO A 264 -11.34 1.26 -27.80
N SER A 265 -12.25 1.55 -28.72
CA SER A 265 -13.64 1.69 -28.39
C SER A 265 -14.17 0.34 -27.94
N GLU A 266 -15.24 0.34 -27.15
CA GLU A 266 -15.79 -0.92 -26.64
C GLU A 266 -16.22 -1.85 -27.78
N ASP A 267 -16.67 -1.26 -28.89
CA ASP A 267 -17.07 -2.02 -30.07
C ASP A 267 -16.03 -2.00 -31.20
N PHE A 268 -14.75 -2.05 -30.83
CA PHE A 268 -13.66 -2.03 -31.82
C PHE A 268 -13.80 -3.11 -32.91
N GLY A 269 -13.75 -2.70 -34.17
CA GLY A 269 -13.77 -3.66 -35.27
C GLY A 269 -15.16 -4.08 -35.69
N ASN A 270 -16.16 -3.64 -34.93
CA ASN A 270 -17.55 -3.89 -35.26
C ASN A 270 -18.39 -2.65 -34.96
N GLU A 271 -17.98 -1.55 -35.58
CA GLU A 271 -18.47 -0.21 -35.27
C GLU A 271 -19.87 0.10 -35.77
N LYS A 272 -20.65 0.72 -34.90
CA LYS A 272 -21.88 1.41 -35.29
C LYS A 272 -21.51 2.71 -36.03
N SER A 273 -21.06 3.72 -35.29
CA SER A 273 -20.63 4.98 -35.90
C SER A 273 -19.30 4.79 -36.65
N GLN A 274 -19.11 5.53 -37.73
CA GLN A 274 -17.85 5.47 -38.48
C GLN A 274 -16.82 6.49 -37.94
N GLU A 275 -17.14 7.09 -36.81
CA GLU A 275 -16.28 8.10 -36.17
C GLU A 275 -14.91 7.55 -35.79
N HIS A 276 -13.86 8.34 -35.90
CA HIS A 276 -12.52 7.85 -35.60
C HIS A 276 -12.19 7.94 -34.12
N PHE A 277 -12.62 9.05 -33.51
CA PHE A 277 -12.34 9.28 -32.10
C PHE A 277 -13.58 9.79 -31.41
N SER A 278 -13.71 9.46 -30.13
CA SER A 278 -14.78 10.04 -29.30
C SER A 278 -14.31 10.17 -27.85
N HIS A 279 -14.92 11.09 -27.11
CA HIS A 279 -14.48 11.38 -25.75
C HIS A 279 -14.57 10.14 -24.89
N ASN A 280 -13.48 9.82 -24.19
CA ASN A 280 -13.36 8.58 -23.45
C ASN A 280 -14.13 8.69 -22.12
N THR A 281 -15.35 8.16 -22.14
CA THR A 281 -16.27 8.27 -21.01
C THR A 281 -15.73 7.56 -19.77
N VAL A 282 -15.04 6.43 -20.01
CA VAL A 282 -14.42 5.64 -18.94
C VAL A 282 -13.28 6.35 -18.20
N ARG A 283 -12.31 6.90 -18.93
CA ARG A 283 -11.16 7.57 -18.33
C ARG A 283 -11.47 9.00 -17.87
N GLY A 284 -12.49 9.62 -18.44
CA GLY A 284 -12.76 11.02 -18.11
C GLY A 284 -11.78 11.99 -18.76
N CYS A 285 -10.91 11.48 -19.63
CA CYS A 285 -10.07 12.32 -20.48
C CYS A 285 -9.62 11.51 -21.69
N SER A 286 -8.99 12.16 -22.66
CA SER A 286 -8.55 11.49 -23.88
C SER A 286 -9.70 10.82 -24.63
N TYR A 287 -9.39 9.80 -25.44
CA TYR A 287 -10.35 9.28 -26.40
C TYR A 287 -10.49 7.76 -26.49
N PHE A 288 -11.57 7.31 -27.14
CA PHE A 288 -11.67 5.96 -27.68
C PHE A 288 -11.25 6.08 -29.14
N TYR A 289 -10.45 5.14 -29.63
CA TYR A 289 -10.15 5.07 -31.07
C TYR A 289 -10.73 3.80 -31.63
N ASN A 290 -11.14 3.84 -32.87
CA ASN A 290 -11.74 2.65 -33.43
C ASN A 290 -10.98 2.09 -34.61
N TYR A 291 -11.51 1.00 -35.14
CA TYR A 291 -10.82 0.24 -36.17
C TYR A 291 -10.41 1.10 -37.38
N PRO A 292 -11.33 1.91 -37.92
CA PRO A 292 -10.85 2.78 -39.00
C PRO A 292 -9.68 3.69 -38.59
N ALA A 293 -9.76 4.31 -37.42
CA ALA A 293 -8.66 5.17 -36.95
C ALA A 293 -7.30 4.44 -36.98
N VAL A 294 -7.31 3.17 -36.59
CA VAL A 294 -6.10 2.36 -36.54
C VAL A 294 -5.66 1.97 -37.94
N CYS A 295 -6.60 1.52 -38.78
CA CYS A 295 -6.25 1.15 -40.16
C CYS A 295 -5.57 2.31 -40.87
N GLU A 296 -6.18 3.49 -40.80
CA GLU A 296 -5.58 4.67 -41.39
C GLU A 296 -4.16 4.88 -40.87
N PHE A 297 -3.99 4.83 -39.56
CA PHE A 297 -2.70 5.15 -38.99
C PHE A 297 -1.69 4.08 -39.36
N LEU A 298 -2.12 2.82 -39.38
CA LEU A 298 -1.24 1.74 -39.77
C LEU A 298 -0.76 1.86 -41.23
N GLN A 299 -1.66 2.26 -42.12
CA GLN A 299 -1.32 2.36 -43.53
C GLN A 299 -0.46 3.59 -43.86
N ASN A 300 -0.81 4.73 -43.26
CA ASN A 300 -0.05 5.95 -43.48
C ASN A 300 1.36 5.87 -42.93
N ASN A 301 1.65 4.83 -42.15
CA ASN A 301 2.97 4.72 -41.55
C ASN A 301 3.70 3.41 -41.86
N ASN A 302 3.10 2.61 -42.73
CA ASN A 302 3.64 1.31 -43.08
C ASN A 302 3.95 0.48 -41.84
N LEU A 303 2.92 0.23 -41.04
CA LEU A 303 3.04 -0.52 -39.78
C LEU A 303 2.09 -1.72 -39.79
N LEU A 304 2.58 -2.82 -39.26
CA LEU A 304 1.83 -4.05 -39.24
C LEU A 304 0.72 -4.03 -38.20
N SER A 305 0.98 -3.40 -37.06
CA SER A 305 0.06 -3.43 -35.93
C SER A 305 0.52 -2.52 -34.79
N ILE A 306 -0.37 -2.30 -33.83
CA ILE A 306 -0.08 -1.46 -32.67
C ILE A 306 -0.18 -2.30 -31.41
N ILE A 307 0.91 -2.39 -30.66
CA ILE A 307 0.93 -3.13 -29.40
C ILE A 307 0.87 -2.18 -28.21
N ARG A 308 0.01 -2.48 -27.27
CA ARG A 308 -0.21 -1.54 -26.19
C ARG A 308 -0.72 -2.26 -24.92
N ALA A 309 -1.14 -1.53 -23.90
CA ALA A 309 -1.42 -2.18 -22.62
C ALA A 309 -2.63 -1.56 -21.96
N HIS A 310 -2.48 -1.05 -20.74
CA HIS A 310 -3.42 -0.07 -20.16
C HIS A 310 -4.78 -0.63 -19.72
N GLU A 311 -5.22 -1.72 -20.35
CA GLU A 311 -6.51 -2.31 -20.05
C GLU A 311 -6.47 -3.77 -19.60
N ALA A 312 -7.05 -4.05 -18.42
CA ALA A 312 -7.10 -5.40 -17.86
C ALA A 312 -7.75 -6.43 -18.81
N GLN A 313 -7.17 -7.63 -18.92
CA GLN A 313 -7.73 -8.70 -19.77
C GLN A 313 -7.79 -10.04 -19.02
N ASP A 314 -8.91 -10.75 -19.13
CA ASP A 314 -9.04 -12.04 -18.45
C ASP A 314 -7.92 -13.03 -18.85
N ALA A 315 -7.58 -13.06 -20.14
CA ALA A 315 -6.49 -13.91 -20.63
C ALA A 315 -5.09 -13.26 -20.51
N GLY A 316 -5.01 -12.04 -19.99
CA GLY A 316 -3.77 -11.32 -19.93
C GLY A 316 -3.29 -10.72 -21.26
N TYR A 317 -4.10 -10.91 -22.31
CA TYR A 317 -3.84 -10.32 -23.62
C TYR A 317 -5.13 -10.22 -24.42
N ARG A 318 -5.14 -9.38 -25.45
CA ARG A 318 -6.23 -9.41 -26.42
C ARG A 318 -5.75 -9.12 -27.84
N MET A 319 -6.21 -9.94 -28.78
CA MET A 319 -5.89 -9.77 -30.20
C MET A 319 -7.11 -9.23 -30.89
N TYR A 320 -7.05 -8.00 -31.38
CA TYR A 320 -8.26 -7.41 -31.95
C TYR A 320 -8.39 -7.76 -33.42
N ARG A 321 -9.51 -7.34 -34.02
CA ARG A 321 -9.84 -7.65 -35.41
C ARG A 321 -8.65 -7.53 -36.34
N LYS A 322 -8.42 -8.55 -37.17
CA LYS A 322 -7.31 -8.57 -38.12
C LYS A 322 -7.60 -7.55 -39.21
N SER A 323 -6.58 -7.01 -39.83
CA SER A 323 -6.81 -6.10 -40.93
C SER A 323 -6.85 -6.86 -42.24
N GLN A 324 -7.82 -6.52 -43.09
CA GLN A 324 -8.05 -7.19 -44.38
C GLN A 324 -6.78 -7.29 -45.25
N THR A 325 -6.11 -6.15 -45.40
CA THR A 325 -4.81 -6.08 -46.07
C THR A 325 -3.82 -7.18 -45.66
N THR A 326 -3.56 -7.31 -44.35
CA THR A 326 -2.44 -8.15 -43.90
C THR A 326 -2.81 -9.52 -43.30
N GLY A 327 -4.03 -9.64 -42.78
CA GLY A 327 -4.39 -10.87 -42.09
C GLY A 327 -3.82 -10.92 -40.67
N PHE A 328 -3.25 -9.81 -40.23
CA PHE A 328 -2.65 -9.71 -38.90
C PHE A 328 -3.48 -8.79 -37.99
N PRO A 329 -3.66 -9.16 -36.71
CA PRO A 329 -4.38 -8.33 -35.73
C PRO A 329 -3.95 -6.87 -35.81
N SER A 330 -4.89 -5.95 -35.99
CA SER A 330 -4.54 -4.53 -36.06
C SER A 330 -4.06 -4.00 -34.72
N LEU A 331 -4.61 -4.54 -33.63
CA LEU A 331 -4.31 -4.03 -32.31
C LEU A 331 -4.05 -5.19 -31.36
N ILE A 332 -3.14 -4.98 -30.41
CA ILE A 332 -2.89 -5.97 -29.36
C ILE A 332 -2.85 -5.30 -27.99
N THR A 333 -3.64 -5.80 -27.05
CA THR A 333 -3.46 -5.42 -25.66
C THR A 333 -2.65 -6.51 -25.00
N ILE A 334 -1.66 -6.11 -24.22
CA ILE A 334 -0.89 -7.04 -23.41
C ILE A 334 -0.92 -6.53 -21.96
N PHE A 335 -1.31 -7.41 -21.03
CA PHE A 335 -1.53 -7.05 -19.63
C PHE A 335 -0.76 -8.00 -18.69
N SER A 336 0.18 -7.46 -17.91
CA SER A 336 1.14 -8.31 -17.21
C SER A 336 0.98 -8.39 -15.69
N ALA A 337 -0.19 -8.04 -15.18
CA ALA A 337 -0.48 -8.12 -13.75
C ALA A 337 -1.59 -9.11 -13.49
N PRO A 338 -1.25 -10.33 -13.04
CA PRO A 338 -2.26 -11.39 -12.88
C PRO A 338 -3.04 -11.20 -11.59
N ASN A 339 -4.28 -11.70 -11.57
CA ASN A 339 -5.17 -11.49 -10.43
C ASN A 339 -5.18 -10.05 -9.96
N TYR A 340 -5.45 -9.15 -10.89
CA TYR A 340 -5.32 -7.72 -10.64
C TYR A 340 -6.10 -7.29 -9.40
N LEU A 341 -5.44 -6.54 -8.51
CA LEU A 341 -6.05 -6.03 -7.27
C LEU A 341 -6.50 -7.16 -6.35
N ASP A 342 -5.91 -8.35 -6.53
CA ASP A 342 -6.26 -9.54 -5.78
C ASP A 342 -7.71 -10.01 -6.00
N VAL A 343 -8.42 -9.40 -6.92
CA VAL A 343 -9.84 -9.74 -7.04
C VAL A 343 -10.32 -10.14 -8.43
N TYR A 344 -9.57 -9.81 -9.48
CA TYR A 344 -9.99 -10.10 -10.83
C TYR A 344 -9.83 -11.57 -11.28
N ASN A 345 -8.92 -12.30 -10.64
CA ASN A 345 -8.65 -13.69 -11.02
C ASN A 345 -8.28 -13.84 -12.50
N ASN A 346 -7.64 -12.82 -13.07
CA ASN A 346 -7.20 -12.84 -14.47
C ASN A 346 -5.81 -13.41 -14.64
N LYS A 347 -5.57 -14.07 -15.78
CA LYS A 347 -4.21 -14.49 -16.11
C LYS A 347 -3.38 -13.27 -16.52
N ALA A 348 -2.06 -13.40 -16.54
CA ALA A 348 -1.24 -12.31 -17.09
C ALA A 348 -0.59 -12.83 -18.36
N ALA A 349 0.07 -11.98 -19.11
CA ALA A 349 0.80 -12.46 -20.27
C ALA A 349 1.94 -11.55 -20.61
N VAL A 350 2.94 -12.12 -21.26
CA VAL A 350 3.94 -11.34 -21.97
C VAL A 350 3.95 -11.84 -23.40
N LEU A 351 4.41 -10.98 -24.30
CA LEU A 351 4.48 -11.29 -25.71
C LEU A 351 5.93 -11.59 -26.13
N LYS A 352 6.19 -12.83 -26.54
CA LYS A 352 7.54 -13.15 -26.99
C LYS A 352 7.65 -13.16 -28.52
N TYR A 353 8.49 -12.27 -29.04
CA TYR A 353 8.65 -12.12 -30.48
C TYR A 353 10.03 -12.59 -30.92
N GLU A 354 10.12 -13.81 -31.44
CA GLU A 354 11.38 -14.33 -31.98
C GLU A 354 11.13 -15.17 -33.23
N ASN A 355 12.10 -15.17 -34.14
CA ASN A 355 12.10 -16.06 -35.30
C ASN A 355 10.80 -15.93 -36.10
N ASN A 356 10.34 -14.69 -36.24
CA ASN A 356 9.11 -14.39 -36.94
C ASN A 356 7.84 -15.06 -36.35
N VAL A 357 7.89 -15.41 -35.07
CA VAL A 357 6.70 -15.89 -34.36
C VAL A 357 6.41 -14.99 -33.16
N MET A 358 5.19 -14.49 -33.06
CA MET A 358 4.78 -13.81 -31.84
C MET A 358 4.10 -14.83 -30.97
N ASN A 359 4.70 -15.13 -29.83
CA ASN A 359 4.13 -16.10 -28.93
C ASN A 359 3.74 -15.47 -27.60
N ILE A 360 2.49 -15.68 -27.20
CA ILE A 360 1.97 -15.18 -25.94
C ILE A 360 2.20 -16.18 -24.82
N ARG A 361 3.07 -15.83 -23.88
CA ARG A 361 3.27 -16.64 -22.67
C ARG A 361 2.32 -16.19 -21.57
N GLN A 362 1.41 -17.06 -21.16
CA GLN A 362 0.52 -16.69 -20.05
C GLN A 362 1.09 -17.18 -18.74
N PHE A 363 0.72 -16.51 -17.65
CA PHE A 363 1.09 -16.94 -16.29
C PHE A 363 0.09 -16.47 -15.23
N ASN A 364 0.01 -17.21 -14.12
CA ASN A 364 -0.92 -16.89 -13.04
C ASN A 364 -0.25 -16.12 -11.92
N CYS A 365 -0.97 -15.87 -10.83
CA CYS A 365 -0.38 -15.08 -9.75
C CYS A 365 0.46 -15.91 -8.82
N SER A 366 1.12 -15.21 -7.90
CA SER A 366 1.97 -15.82 -6.89
C SER A 366 1.63 -15.13 -5.58
N PRO A 367 1.84 -15.83 -4.46
CA PRO A 367 1.54 -15.26 -3.13
C PRO A 367 2.34 -13.99 -2.88
N HIS A 368 1.76 -13.11 -2.08
CA HIS A 368 2.46 -11.91 -1.67
C HIS A 368 2.00 -11.53 -0.25
N PRO A 369 2.90 -10.89 0.51
CA PRO A 369 2.62 -10.51 1.90
C PRO A 369 1.52 -9.47 1.97
N TYR A 370 0.91 -9.33 3.15
CA TYR A 370 -0.24 -8.46 3.34
C TYR A 370 0.14 -7.08 3.87
N TRP A 371 -0.59 -6.06 3.45
CA TRP A 371 -0.41 -4.71 3.97
C TRP A 371 -1.80 -4.13 4.22
N LEU A 372 -1.95 -3.35 5.29
CA LEU A 372 -3.19 -2.64 5.52
C LEU A 372 -3.30 -1.58 4.44
N PRO A 373 -4.52 -1.27 3.99
CA PRO A 373 -4.79 -0.17 3.07
C PRO A 373 -3.98 1.06 3.43
N ASN A 374 -3.50 1.75 2.41
CA ASN A 374 -2.75 2.98 2.59
C ASN A 374 -1.53 2.88 3.48
N PHE A 375 -1.06 1.65 3.70
CA PHE A 375 0.17 1.38 4.43
C PHE A 375 0.14 1.82 5.89
N MET A 376 -1.03 1.74 6.52
CA MET A 376 -1.06 2.11 7.93
C MET A 376 -0.56 0.93 8.78
N ASP A 377 0.17 1.27 9.85
CA ASP A 377 0.61 0.33 10.86
C ASP A 377 -0.56 -0.02 11.78
N VAL A 378 -0.41 -1.11 12.51
CA VAL A 378 -1.51 -1.59 13.31
C VAL A 378 -1.87 -0.66 14.45
N PHE A 379 -0.95 0.21 14.86
CA PHE A 379 -1.25 1.21 15.89
C PHE A 379 -2.19 2.28 15.36
N THR A 380 -1.78 2.91 14.26
CA THR A 380 -2.58 3.93 13.60
C THR A 380 -3.95 3.36 13.25
N TRP A 381 -3.96 2.07 12.89
CA TRP A 381 -5.18 1.39 12.48
C TRP A 381 -6.13 1.11 13.65
N SER A 382 -5.58 0.81 14.82
CA SER A 382 -6.36 0.29 15.93
C SER A 382 -6.62 1.33 16.97
N LEU A 383 -5.61 2.16 17.23
CA LEU A 383 -5.69 3.22 18.24
C LEU A 383 -7.05 3.95 18.33
N PRO A 384 -7.59 4.42 17.18
CA PRO A 384 -8.94 5.02 17.18
C PRO A 384 -10.00 4.12 17.79
N PHE A 385 -9.95 2.84 17.46
CA PHE A 385 -10.91 1.88 17.97
C PHE A 385 -10.71 1.75 19.47
N VAL A 386 -9.45 1.61 19.86
CA VAL A 386 -9.11 1.56 21.28
C VAL A 386 -9.69 2.79 21.98
N GLY A 387 -9.31 3.97 21.52
CA GLY A 387 -9.77 5.21 22.09
C GLY A 387 -11.28 5.29 22.22
N GLU A 388 -11.99 4.87 21.17
CA GLU A 388 -13.45 4.91 21.19
C GLU A 388 -14.05 3.93 22.22
N LYS A 389 -13.48 2.74 22.34
CA LYS A 389 -14.09 1.68 23.13
C LYS A 389 -13.81 1.76 24.63
N VAL A 390 -12.61 2.21 24.99
CA VAL A 390 -12.31 2.41 26.40
C VAL A 390 -13.07 3.65 26.91
N THR A 391 -13.15 4.70 26.10
CA THR A 391 -13.85 5.90 26.50
C THR A 391 -15.33 5.61 26.61
N GLU A 392 -15.83 4.76 25.71
CA GLU A 392 -17.22 4.34 25.74
C GLU A 392 -17.53 3.60 27.04
N MET A 393 -16.61 2.73 27.42
CA MET A 393 -16.76 1.93 28.62
C MET A 393 -16.83 2.79 29.87
N LEU A 394 -15.89 3.73 29.98
CA LEU A 394 -15.87 4.61 31.13
C LEU A 394 -17.09 5.49 31.23
N VAL A 395 -17.60 5.92 30.08
CA VAL A 395 -18.79 6.76 30.08
C VAL A 395 -19.99 5.93 30.56
N ASN A 396 -20.10 4.70 30.07
CA ASN A 396 -21.13 3.82 30.54
C ASN A 396 -21.01 3.46 32.02
N VAL A 397 -19.79 3.27 32.49
CA VAL A 397 -19.56 3.04 33.91
C VAL A 397 -19.97 4.25 34.75
N LEU A 398 -19.52 5.44 34.37
CA LEU A 398 -19.73 6.65 35.16
C LEU A 398 -21.18 7.10 35.17
N SER A 399 -21.95 6.59 34.23
CA SER A 399 -23.36 6.96 34.14
C SER A 399 -24.22 6.05 34.98
N ILE A 400 -23.60 5.21 35.81
CA ILE A 400 -24.35 4.33 36.71
C ILE A 400 -25.25 5.14 37.65
N CYS A 401 -24.70 6.24 38.17
CA CYS A 401 -25.50 7.23 38.89
C CYS A 401 -25.92 8.28 37.87
N SER A 402 -27.17 8.75 37.96
CA SER A 402 -27.65 9.76 37.02
C SER A 402 -28.22 10.96 37.78
N ASP A 403 -27.30 11.77 38.32
CA ASP A 403 -27.64 12.92 39.14
C ASP A 403 -28.48 12.49 40.34
N ASP A 404 -28.17 11.30 40.84
CA ASP A 404 -28.47 10.90 42.22
C ASP A 404 -27.26 11.34 43.02
N GLU A 405 -26.46 12.20 42.39
CA GLU A 405 -25.25 12.76 42.99
C GLU A 405 -25.52 14.15 43.53
N LEU A 406 -26.81 14.50 43.63
CA LEU A 406 -27.21 15.76 44.22
C LEU A 406 -27.44 15.61 45.73
N ALA A 436 -17.50 0.10 16.33
CA ALA A 436 -18.33 -0.91 15.61
C ALA A 436 -18.57 -2.26 16.36
N ARG A 437 -17.97 -2.40 17.55
CA ARG A 437 -17.95 -3.67 18.33
C ARG A 437 -16.88 -4.68 17.83
N TYR A 438 -16.43 -4.50 16.59
CA TYR A 438 -15.19 -5.10 16.08
C TYR A 438 -14.42 -4.13 15.18
N LEU A 439 -13.09 -4.15 15.32
CA LEU A 439 -12.18 -3.45 14.42
C LEU A 439 -12.43 -4.05 13.06
N SER A 440 -12.11 -3.34 12.00
CA SER A 440 -12.27 -3.89 10.66
C SER A 440 -11.29 -3.27 9.69
N VAL A 441 -10.71 -4.14 8.85
CA VAL A 441 -9.83 -3.72 7.78
C VAL A 441 -10.44 -2.53 7.06
N LEU A 442 -9.68 -1.46 6.92
CA LEU A 442 -10.15 -0.22 6.29
C LEU A 442 -10.67 -0.45 4.85
N SER A 498 -16.42 -12.80 -11.53
CA SER A 498 -15.18 -12.25 -10.97
C SER A 498 -14.53 -11.12 -11.81
N PHE A 499 -14.34 -11.33 -13.12
CA PHE A 499 -13.72 -10.29 -13.99
C PHE A 499 -14.69 -9.15 -14.29
N GLU A 500 -15.89 -9.47 -14.77
CA GLU A 500 -16.89 -8.44 -15.07
C GLU A 500 -17.38 -7.77 -13.78
N GLU A 501 -17.44 -8.56 -12.71
CA GLU A 501 -17.89 -8.07 -11.41
C GLU A 501 -16.90 -7.11 -10.74
N ALA A 502 -15.61 -7.39 -10.87
CA ALA A 502 -14.58 -6.56 -10.26
C ALA A 502 -14.18 -5.37 -11.15
N LYS A 503 -14.65 -5.38 -12.40
CA LYS A 503 -14.32 -4.34 -13.37
C LYS A 503 -15.29 -3.16 -13.24
N GLY A 504 -16.51 -3.47 -12.79
CA GLY A 504 -17.55 -2.46 -12.58
C GLY A 504 -17.45 -1.80 -11.21
N LEU A 505 -16.79 -2.48 -10.27
CA LEU A 505 -16.54 -1.91 -8.94
C LEU A 505 -15.27 -1.06 -8.95
N ASP A 506 -14.66 -0.94 -10.13
CA ASP A 506 -13.36 -0.29 -10.26
C ASP A 506 -13.31 0.75 -11.38
N ARG A 507 -14.45 1.02 -12.01
CA ARG A 507 -14.49 1.98 -13.11
C ARG A 507 -14.13 3.41 -12.66
N ILE A 508 -14.52 3.75 -11.43
CA ILE A 508 -14.21 5.06 -10.84
C ILE A 508 -12.69 5.27 -10.68
N ASN A 509 -11.95 4.18 -10.58
CA ASN A 509 -10.50 4.25 -10.37
C ASN A 509 -9.66 4.19 -11.66
N GLU A 510 -10.29 3.91 -12.79
CA GLU A 510 -9.59 3.97 -14.08
C GLU A 510 -9.77 5.35 -14.72
N ARG A 511 -10.15 6.34 -13.90
CA ARG A 511 -10.43 7.71 -14.34
C ARG A 511 -9.36 8.73 -13.91
N MET A 512 -9.14 9.76 -14.75
CA MET A 512 -8.27 10.89 -14.42
C MET A 512 -8.87 11.69 -13.27
N PRO A 513 -8.17 11.73 -12.11
CA PRO A 513 -8.63 12.50 -10.94
C PRO A 513 -8.83 13.99 -11.27
N PRO A 514 -9.93 14.59 -10.78
CA PRO A 514 -10.27 15.96 -11.18
C PRO A 514 -9.22 17.00 -10.76
N ARG A 515 -9.25 18.17 -11.40
CA ARG A 515 -8.31 19.27 -11.14
C ARG A 515 -6.84 18.85 -11.26
N ALA B 5 -13.64 4.86 62.24
CA ALA B 5 -12.53 5.73 61.82
C ALA B 5 -11.38 4.91 61.25
N SER B 6 -11.06 5.14 59.98
CA SER B 6 -9.95 4.44 59.33
C SER B 6 -8.87 5.39 58.84
N TYR B 7 -7.72 4.82 58.46
CA TYR B 7 -6.59 5.57 57.93
C TYR B 7 -6.97 6.13 56.56
N PRO B 8 -6.36 7.27 56.18
CA PRO B 8 -6.58 7.92 54.90
C PRO B 8 -6.19 7.06 53.72
N LEU B 9 -6.97 7.18 52.64
CA LEU B 9 -6.61 6.64 51.35
C LEU B 9 -5.64 7.61 50.75
N GLU B 10 -4.63 7.10 50.07
CA GLU B 10 -3.65 7.97 49.48
C GLU B 10 -3.64 7.70 47.98
N MET B 11 -3.59 8.76 47.17
CA MET B 11 -3.70 8.57 45.72
C MET B 11 -3.20 9.77 44.94
N CYS B 12 -3.08 9.59 43.63
CA CYS B 12 -2.65 10.65 42.74
C CYS B 12 -3.63 10.84 41.59
N SER B 13 -4.45 11.88 41.66
CA SER B 13 -5.37 12.19 40.58
C SER B 13 -5.45 13.68 40.24
N HIS B 14 -6.19 13.99 39.17
CA HIS B 14 -6.50 15.36 38.76
C HIS B 14 -7.75 15.92 39.45
N PHE B 15 -8.41 15.11 40.27
CA PHE B 15 -9.73 15.45 40.76
C PHE B 15 -9.71 16.25 42.06
N ASP B 16 -10.72 17.09 42.22
CA ASP B 16 -10.84 17.87 43.45
C ASP B 16 -11.79 17.20 44.44
N ALA B 17 -11.96 17.84 45.59
CA ALA B 17 -12.77 17.29 46.67
C ALA B 17 -14.16 16.85 46.21
N ASP B 18 -14.87 17.74 45.53
CA ASP B 18 -16.19 17.46 44.99
C ASP B 18 -16.20 16.25 44.08
N GLU B 19 -15.33 16.27 43.07
CA GLU B 19 -15.28 15.21 42.07
C GLU B 19 -14.96 13.86 42.70
N ILE B 20 -14.07 13.84 43.69
CA ILE B 20 -13.72 12.59 44.32
C ILE B 20 -14.95 12.05 45.04
N LYS B 21 -15.71 12.97 45.64
CA LYS B 21 -16.94 12.61 46.35
C LYS B 21 -17.96 11.98 45.38
N ARG B 22 -18.09 12.58 44.19
CA ARG B 22 -19.03 12.08 43.17
C ARG B 22 -18.61 10.73 42.59
N LEU B 23 -17.31 10.56 42.38
CA LEU B 23 -16.77 9.30 41.91
C LEU B 23 -16.99 8.23 42.95
N GLY B 24 -16.90 8.63 44.23
CA GLY B 24 -17.10 7.72 45.34
C GLY B 24 -18.52 7.19 45.38
N LYS B 25 -19.49 8.01 44.97
CA LYS B 25 -20.88 7.58 44.91
C LYS B 25 -21.10 6.51 43.84
N ARG B 26 -20.51 6.70 42.66
CA ARG B 26 -20.63 5.70 41.60
C ARG B 26 -19.97 4.40 42.02
N PHE B 27 -18.83 4.51 42.71
CA PHE B 27 -18.11 3.34 43.20
C PHE B 27 -19.02 2.45 44.05
N LYS B 28 -19.62 3.02 45.10
CA LYS B 28 -20.52 2.29 45.98
C LYS B 28 -21.72 1.64 45.27
N LYS B 29 -22.29 2.34 44.29
CA LYS B 29 -23.45 1.79 43.59
C LYS B 29 -23.03 0.63 42.71
N LEU B 30 -21.81 0.71 42.21
CA LEU B 30 -21.23 -0.35 41.38
C LEU B 30 -20.77 -1.51 42.25
N ASP B 31 -20.48 -1.23 43.51
CA ASP B 31 -20.06 -2.25 44.44
C ASP B 31 -21.28 -2.97 45.01
N LEU B 32 -21.78 -3.95 44.26
CA LEU B 32 -22.98 -4.70 44.61
C LEU B 32 -22.95 -5.35 46.01
N ASP B 33 -22.02 -6.30 46.18
CA ASP B 33 -21.85 -7.00 47.47
C ASP B 33 -21.23 -6.09 48.55
N ASN B 34 -20.91 -4.87 48.14
CA ASN B 34 -20.36 -3.84 49.04
C ASN B 34 -19.12 -4.28 49.82
N SER B 35 -18.14 -4.81 49.08
CA SER B 35 -16.91 -5.38 49.65
C SER B 35 -15.77 -4.38 49.67
N GLY B 36 -15.93 -3.25 48.96
CA GLY B 36 -14.92 -2.20 48.91
C GLY B 36 -13.96 -2.31 47.72
N SER B 37 -14.30 -3.21 46.79
CA SER B 37 -13.44 -3.51 45.64
C SER B 37 -14.40 -3.81 44.51
N LEU B 38 -13.94 -3.93 43.28
CA LEU B 38 -14.85 -4.14 42.16
C LEU B 38 -14.39 -5.33 41.34
N SER B 39 -15.26 -6.33 41.25
CA SER B 39 -14.90 -7.56 40.60
C SER B 39 -15.25 -7.48 39.14
N VAL B 40 -14.72 -8.41 38.35
CA VAL B 40 -15.06 -8.45 36.93
C VAL B 40 -16.55 -8.61 36.73
N GLU B 41 -17.20 -9.44 37.56
CA GLU B 41 -18.63 -9.70 37.44
C GLU B 41 -19.44 -8.41 37.61
N GLU B 42 -19.01 -7.58 38.55
CA GLU B 42 -19.69 -6.32 38.84
C GLU B 42 -19.58 -5.32 37.69
N PHE B 43 -18.47 -5.37 36.96
CA PHE B 43 -18.31 -4.53 35.78
C PHE B 43 -19.18 -5.05 34.66
N MET B 44 -19.10 -6.37 34.47
CA MET B 44 -19.81 -7.06 33.41
C MET B 44 -21.33 -7.09 33.58
N SER B 45 -21.80 -6.76 34.77
CA SER B 45 -23.23 -6.73 35.01
C SER B 45 -23.89 -5.51 34.35
N LEU B 46 -23.11 -4.50 34.01
CA LEU B 46 -23.65 -3.40 33.21
C LEU B 46 -23.78 -3.88 31.76
N PRO B 47 -25.01 -3.92 31.24
CA PRO B 47 -25.30 -4.46 29.91
C PRO B 47 -24.46 -3.84 28.80
N GLU B 48 -24.21 -2.54 28.89
CA GLU B 48 -23.46 -1.82 27.86
C GLU B 48 -22.01 -2.30 27.71
N LEU B 49 -21.50 -2.99 28.72
CA LEU B 49 -20.11 -3.43 28.73
C LEU B 49 -19.92 -4.82 28.15
N GLN B 50 -21.00 -5.58 28.04
CA GLN B 50 -20.91 -7.00 27.73
C GLN B 50 -20.36 -7.30 26.33
N GLN B 51 -20.60 -6.41 25.38
CA GLN B 51 -20.10 -6.60 24.03
C GLN B 51 -18.92 -5.68 23.70
N ASN B 52 -18.25 -5.20 24.75
CA ASN B 52 -17.05 -4.41 24.59
C ASN B 52 -15.84 -5.31 24.71
N PRO B 53 -15.06 -5.44 23.62
CA PRO B 53 -13.88 -6.33 23.57
C PRO B 53 -12.70 -5.84 24.43
N LEU B 54 -12.77 -4.61 24.93
CA LEU B 54 -11.65 -4.07 25.68
C LEU B 54 -11.85 -4.00 27.20
N VAL B 55 -13.04 -4.37 27.69
CA VAL B 55 -13.34 -4.27 29.13
C VAL B 55 -12.23 -4.83 30.03
N GLN B 56 -11.82 -6.07 29.75
CA GLN B 56 -10.81 -6.72 30.58
C GLN B 56 -9.44 -6.01 30.58
N ARG B 57 -9.01 -5.50 29.42
CA ARG B 57 -7.77 -4.73 29.38
C ARG B 57 -7.85 -3.51 30.30
N VAL B 58 -8.96 -2.79 30.24
CA VAL B 58 -9.13 -1.61 31.08
C VAL B 58 -9.04 -1.99 32.55
N ILE B 59 -9.78 -3.02 32.94
CA ILE B 59 -9.75 -3.51 34.30
C ILE B 59 -8.33 -3.90 34.71
N ASP B 60 -7.60 -4.57 33.83
CA ASP B 60 -6.25 -5.00 34.19
C ASP B 60 -5.33 -3.82 34.38
N ILE B 61 -5.56 -2.76 33.62
CA ILE B 61 -4.75 -1.56 33.83
C ILE B 61 -5.12 -0.87 35.15
N PHE B 62 -6.40 -0.80 35.47
CA PHE B 62 -6.87 -0.17 36.72
C PHE B 62 -6.36 -0.92 37.94
N ASP B 63 -6.41 -2.25 37.85
CA ASP B 63 -5.95 -3.13 38.90
C ASP B 63 -4.42 -3.09 39.02
N THR B 64 -3.91 -2.06 39.69
CA THR B 64 -2.46 -1.84 39.77
C THR B 64 -1.72 -2.69 40.80
N ASP B 65 -2.38 -3.08 41.88
CA ASP B 65 -1.73 -3.96 42.87
C ASP B 65 -1.74 -5.43 42.43
N GLY B 66 -2.63 -5.74 41.51
CA GLY B 66 -2.62 -7.03 40.86
C GLY B 66 -3.60 -8.08 41.39
N ASN B 67 -4.48 -7.71 42.32
CA ASN B 67 -5.37 -8.71 42.94
C ASN B 67 -6.67 -9.05 42.22
N GLY B 68 -6.83 -8.58 40.98
CA GLY B 68 -7.96 -8.96 40.15
C GLY B 68 -9.24 -8.16 40.35
N GLU B 69 -9.24 -7.23 41.30
CA GLU B 69 -10.40 -6.38 41.55
C GLU B 69 -9.99 -4.92 41.53
N VAL B 70 -10.94 -3.99 41.46
CA VAL B 70 -10.59 -2.58 41.46
C VAL B 70 -11.10 -1.92 42.71
N ASP B 71 -10.16 -1.47 43.53
CA ASP B 71 -10.57 -0.78 44.73
C ASP B 71 -10.67 0.71 44.42
N PHE B 72 -11.07 1.49 45.42
CA PHE B 72 -11.42 2.89 45.20
C PHE B 72 -10.25 3.76 44.75
N LYS B 73 -9.06 3.54 45.31
CA LYS B 73 -7.88 4.27 44.86
C LYS B 73 -7.57 4.04 43.38
N GLU B 74 -7.62 2.78 42.95
CA GLU B 74 -7.30 2.40 41.58
C GLU B 74 -8.38 2.80 40.63
N PHE B 75 -9.59 2.92 41.18
CA PHE B 75 -10.71 3.43 40.46
C PHE B 75 -10.51 4.91 40.19
N ILE B 76 -10.24 5.69 41.24
CA ILE B 76 -9.91 7.09 41.07
C ILE B 76 -8.73 7.28 40.14
N GLU B 77 -7.64 6.56 40.38
CA GLU B 77 -6.45 6.76 39.56
C GLU B 77 -6.63 6.37 38.10
N GLY B 78 -7.50 5.39 37.85
CA GLY B 78 -7.80 4.95 36.50
C GLY B 78 -8.63 5.99 35.77
N VAL B 79 -9.79 6.34 36.32
CA VAL B 79 -10.61 7.42 35.75
C VAL B 79 -9.84 8.72 35.51
N SER B 80 -8.89 9.04 36.38
CA SER B 80 -8.13 10.28 36.26
C SER B 80 -7.32 10.34 34.94
N GLN B 81 -6.97 9.18 34.38
CA GLN B 81 -6.28 9.13 33.08
C GLN B 81 -7.12 9.81 32.01
N PHE B 82 -8.42 9.87 32.25
CA PHE B 82 -9.38 10.37 31.28
C PHE B 82 -9.91 11.74 31.66
N SER B 83 -9.30 12.36 32.67
CA SER B 83 -9.73 13.68 33.11
C SER B 83 -9.53 14.69 31.99
N VAL B 84 -10.36 15.72 32.00
CA VAL B 84 -10.27 16.79 31.01
C VAL B 84 -8.97 17.56 31.20
N LYS B 85 -8.34 17.39 32.36
CA LYS B 85 -7.12 18.10 32.73
C LYS B 85 -5.86 17.27 32.46
N GLY B 86 -6.04 16.10 31.85
CA GLY B 86 -4.93 15.23 31.55
C GLY B 86 -4.12 15.66 30.35
N ASP B 87 -2.80 15.60 30.47
CA ASP B 87 -1.92 15.92 29.36
C ASP B 87 -1.94 14.83 28.27
N LYS B 88 -1.41 15.16 27.10
CA LYS B 88 -1.37 14.22 25.98
C LYS B 88 -0.58 12.97 26.34
N GLU B 89 0.55 13.15 27.01
CA GLU B 89 1.43 12.04 27.34
C GLU B 89 0.73 11.03 28.24
N GLN B 90 -0.18 11.51 29.09
CA GLN B 90 -0.92 10.64 29.99
C GLN B 90 -1.95 9.78 29.25
N LYS B 91 -2.63 10.38 28.30
CA LYS B 91 -3.62 9.67 27.52
C LYS B 91 -2.93 8.64 26.62
N LEU B 92 -1.74 8.98 26.16
CA LEU B 92 -0.99 8.06 25.31
C LEU B 92 -0.41 6.89 26.08
N ARG B 93 0.10 7.17 27.27
CA ARG B 93 0.59 6.10 28.10
C ARG B 93 -0.52 5.11 28.43
N PHE B 94 -1.76 5.58 28.57
CA PHE B 94 -2.86 4.67 28.85
C PHE B 94 -3.10 3.76 27.65
N ALA B 95 -3.16 4.36 26.46
CA ALA B 95 -3.32 3.58 25.23
C ALA B 95 -2.16 2.62 25.04
N PHE B 96 -0.96 3.05 25.44
CA PHE B 96 0.21 2.19 25.39
C PHE B 96 -0.03 0.98 26.28
N ARG B 97 -0.64 1.22 27.44
CA ARG B 97 -0.86 0.15 28.41
C ARG B 97 -1.87 -0.89 27.97
N ILE B 98 -2.77 -0.50 27.08
CA ILE B 98 -3.68 -1.45 26.48
C ILE B 98 -2.91 -2.57 25.77
N TYR B 99 -1.85 -2.22 25.04
CA TYR B 99 -1.08 -3.22 24.26
C TYR B 99 -0.06 -3.97 25.10
N ASP B 100 0.47 -3.29 26.11
CA ASP B 100 1.50 -3.83 26.98
C ASP B 100 0.89 -4.74 28.06
N MET B 101 0.54 -5.96 27.66
CA MET B 101 -0.15 -6.88 28.56
C MET B 101 0.59 -7.17 29.88
N ASP B 102 1.87 -7.50 29.82
CA ASP B 102 2.54 -7.89 31.07
C ASP B 102 3.13 -6.71 31.86
N LYS B 103 2.85 -5.50 31.37
CA LYS B 103 3.24 -4.26 32.01
C LYS B 103 4.74 -4.10 32.23
N ASP B 104 5.56 -4.72 31.39
CA ASP B 104 7.01 -4.65 31.62
C ASP B 104 7.63 -3.37 31.08
N GLY B 105 6.81 -2.59 30.37
CA GLY B 105 7.25 -1.33 29.79
C GLY B 105 7.51 -1.36 28.29
N TYR B 106 7.35 -2.54 27.68
CA TYR B 106 7.62 -2.73 26.26
C TYR B 106 6.37 -3.33 25.61
N ILE B 107 6.26 -3.26 24.28
CA ILE B 107 5.22 -3.97 23.57
C ILE B 107 5.88 -5.00 22.70
N SER B 108 5.56 -6.26 22.93
CA SER B 108 6.22 -7.31 22.20
C SER B 108 5.35 -7.68 21.02
N ASN B 109 5.97 -8.35 20.04
CA ASN B 109 5.24 -8.92 18.91
C ASN B 109 4.03 -9.73 19.39
N GLY B 110 4.27 -10.68 20.29
CA GLY B 110 3.21 -11.52 20.80
C GLY B 110 2.05 -10.72 21.38
N GLU B 111 2.35 -9.65 22.11
CA GLU B 111 1.29 -8.86 22.75
C GLU B 111 0.45 -8.07 21.78
N LEU B 112 1.14 -7.40 20.87
CA LEU B 112 0.47 -6.67 19.81
C LEU B 112 -0.51 -7.58 19.08
N PHE B 113 -0.05 -8.77 18.68
CA PHE B 113 -0.94 -9.71 18.01
C PHE B 113 -2.14 -10.02 18.86
N GLN B 114 -1.91 -10.33 20.12
CA GLN B 114 -2.99 -10.80 20.97
C GLN B 114 -4.04 -9.73 21.15
N VAL B 115 -3.61 -8.50 21.40
CA VAL B 115 -4.55 -7.42 21.60
C VAL B 115 -5.30 -7.11 20.30
N LEU B 116 -4.62 -7.13 19.16
CA LEU B 116 -5.32 -6.93 17.89
C LEU B 116 -6.34 -8.02 17.60
N LYS B 117 -5.92 -9.28 17.77
CA LYS B 117 -6.78 -10.45 17.54
C LYS B 117 -8.07 -10.31 18.34
N MET B 118 -7.91 -9.77 19.53
CA MET B 118 -8.99 -9.53 20.47
C MET B 118 -10.00 -8.54 19.88
N MET B 119 -9.50 -7.54 19.16
CA MET B 119 -10.35 -6.54 18.54
C MET B 119 -10.77 -6.87 17.09
N VAL B 120 -9.90 -7.56 16.35
CA VAL B 120 -10.19 -7.81 14.96
C VAL B 120 -11.08 -9.04 14.78
N GLY B 121 -10.92 -10.01 15.67
CA GLY B 121 -11.66 -11.26 15.55
C GLY B 121 -11.24 -12.04 14.32
N ASN B 122 -12.20 -12.42 13.49
CA ASN B 122 -11.90 -13.26 12.33
C ASN B 122 -11.92 -12.51 10.99
N ASN B 123 -11.96 -11.18 11.06
CA ASN B 123 -11.85 -10.34 9.87
C ASN B 123 -10.59 -10.64 9.06
N LEU B 124 -9.42 -10.58 9.70
CA LEU B 124 -8.16 -10.97 9.04
C LEU B 124 -7.81 -12.43 9.32
N LYS B 125 -7.08 -13.06 8.39
CA LYS B 125 -6.48 -14.37 8.67
C LYS B 125 -5.36 -14.12 9.67
N ASP B 126 -5.03 -15.13 10.48
CA ASP B 126 -3.89 -15.04 11.39
C ASP B 126 -2.59 -14.66 10.69
N THR B 127 -2.35 -15.26 9.53
CA THR B 127 -1.14 -15.00 8.75
C THR B 127 -1.03 -13.54 8.36
N GLN B 128 -2.16 -12.97 7.97
CA GLN B 128 -2.15 -11.58 7.54
C GLN B 128 -1.82 -10.72 8.72
N LEU B 129 -2.51 -10.99 9.82
CA LEU B 129 -2.34 -10.24 11.06
C LEU B 129 -0.91 -10.30 11.54
N GLN B 130 -0.33 -11.49 11.54
CA GLN B 130 1.07 -11.66 11.94
C GLN B 130 2.02 -10.81 11.12
N GLN B 131 1.75 -10.68 9.83
CA GLN B 131 2.63 -9.92 8.95
C GLN B 131 2.58 -8.41 9.14
N ILE B 132 1.39 -7.83 9.23
CA ILE B 132 1.32 -6.39 9.50
C ILE B 132 1.80 -6.07 10.93
N VAL B 133 1.69 -7.06 11.82
CA VAL B 133 2.25 -6.90 13.16
C VAL B 133 3.78 -6.89 13.09
N ASP B 134 4.35 -7.86 12.38
CA ASP B 134 5.78 -7.87 12.09
C ASP B 134 6.25 -6.52 11.54
N LYS B 135 5.60 -6.07 10.46
CA LYS B 135 6.02 -4.84 9.77
C LYS B 135 5.86 -3.60 10.63
N THR B 136 4.91 -3.63 11.56
CA THR B 136 4.69 -2.45 12.40
C THR B 136 5.82 -2.28 13.39
N ILE B 137 6.20 -3.39 14.03
CA ILE B 137 7.28 -3.43 15.00
C ILE B 137 8.62 -3.07 14.36
N ILE B 138 8.94 -3.72 13.24
CA ILE B 138 10.22 -3.56 12.56
C ILE B 138 10.48 -2.10 12.24
N ASN B 139 9.40 -1.39 11.87
CA ASN B 139 9.45 0.00 11.44
C ASN B 139 9.65 0.98 12.57
N ALA B 140 9.14 0.61 13.75
CA ALA B 140 9.12 1.53 14.89
C ALA B 140 10.23 1.22 15.90
N ASP B 141 10.90 0.10 15.68
CA ASP B 141 11.90 -0.41 16.60
C ASP B 141 13.27 0.23 16.34
N LYS B 142 13.48 1.44 16.85
CA LYS B 142 14.71 2.17 16.57
C LYS B 142 15.99 1.52 17.10
N ASP B 143 15.92 0.84 18.24
CA ASP B 143 17.13 0.26 18.82
C ASP B 143 17.29 -1.28 18.71
N GLY B 144 16.42 -1.91 17.92
CA GLY B 144 16.58 -3.31 17.51
C GLY B 144 16.52 -4.43 18.54
N ASP B 145 15.76 -4.20 19.63
CA ASP B 145 15.57 -5.22 20.68
C ASP B 145 14.36 -6.08 20.37
N GLY B 146 13.70 -5.73 19.26
CA GLY B 146 12.55 -6.47 18.77
C GLY B 146 11.21 -6.09 19.40
N ARG B 147 11.19 -5.13 20.33
CA ARG B 147 9.93 -4.72 20.96
C ARG B 147 9.75 -3.22 20.81
N ILE B 148 8.73 -2.62 21.41
CA ILE B 148 8.41 -1.21 21.22
C ILE B 148 8.28 -0.46 22.53
N SER B 149 9.28 0.33 22.87
CA SER B 149 9.24 1.18 24.05
C SER B 149 8.16 2.24 23.91
N PHE B 150 7.90 2.97 25.00
CA PHE B 150 6.87 4.02 24.98
C PHE B 150 7.28 5.18 24.10
N GLU B 151 8.55 5.56 24.19
CA GLU B 151 9.09 6.63 23.38
C GLU B 151 8.92 6.31 21.89
N GLU B 152 9.17 5.05 21.51
CA GLU B 152 8.96 4.63 20.13
C GLU B 152 7.50 4.62 19.71
N PHE B 153 6.65 4.18 20.64
CA PHE B 153 5.22 4.19 20.43
C PHE B 153 4.75 5.60 20.13
N CYS B 154 5.17 6.57 20.92
CA CYS B 154 4.72 7.96 20.70
C CYS B 154 5.15 8.51 19.34
N ALA B 155 6.38 8.22 18.96
CA ALA B 155 6.92 8.63 17.67
C ALA B 155 6.02 8.27 16.50
N VAL B 156 5.32 7.15 16.63
CA VAL B 156 4.43 6.68 15.58
C VAL B 156 3.05 7.34 15.66
N VAL B 157 2.48 7.41 16.86
CA VAL B 157 1.08 7.81 16.97
C VAL B 157 0.85 9.20 17.53
N GLY B 158 1.92 9.87 17.97
CA GLY B 158 1.81 11.19 18.59
C GLY B 158 1.05 12.25 17.80
N GLY B 159 1.13 12.17 16.47
CA GLY B 159 0.47 13.12 15.61
C GLY B 159 -0.98 12.83 15.26
N LEU B 160 -1.54 11.77 15.83
CA LEU B 160 -2.91 11.38 15.51
C LEU B 160 -3.95 12.10 16.35
N ASP B 161 -3.52 12.73 17.44
CA ASP B 161 -4.42 13.50 18.30
C ASP B 161 -5.64 12.69 18.75
N ILE B 162 -5.42 11.43 19.09
CA ILE B 162 -6.50 10.57 19.58
C ILE B 162 -6.78 10.89 21.05
N HIS B 163 -5.74 11.36 21.73
CA HIS B 163 -5.84 11.82 23.11
C HIS B 163 -6.93 12.87 23.36
N LYS B 164 -7.37 13.56 22.31
CA LYS B 164 -8.45 14.53 22.43
C LYS B 164 -9.78 13.79 22.56
N LYS B 165 -9.81 12.53 22.13
CA LYS B 165 -11.03 11.72 22.18
C LYS B 165 -11.19 10.98 23.52
N MET B 166 -10.07 10.67 24.17
CA MET B 166 -10.06 9.96 25.44
C MET B 166 -10.33 10.88 26.64
N VAL B 167 -11.55 11.40 26.74
CA VAL B 167 -11.89 12.33 27.81
C VAL B 167 -13.31 12.04 28.31
N VAL B 168 -13.50 12.11 29.62
CA VAL B 168 -14.81 11.91 30.23
C VAL B 168 -15.15 13.03 31.23
N ASP B 169 -16.45 13.27 31.42
CA ASP B 169 -16.91 14.17 32.47
C ASP B 169 -17.08 13.36 33.74
N VAL B 170 -16.76 13.96 34.89
CA VAL B 170 -16.98 13.29 36.17
C VAL B 170 -17.93 14.09 37.06
ZN ZN C . -3.99 1.95 -16.92
FE FE D . -4.41 -0.04 -15.38
CA CA E . -16.97 -6.22 45.21
CA CA F . -6.67 -4.26 43.00
CA CA G . 5.55 -6.36 27.46
CA CA H . 12.70 -0.88 20.90
#